data_7B88
#
_entry.id   7B88
#
_cell.length_a   64.054
_cell.length_b   64.054
_cell.length_c   110.067
_cell.angle_alpha   90.000
_cell.angle_beta   90.000
_cell.angle_gamma   90.000
#
_symmetry.space_group_name_H-M   'P 43 21 2'
#
loop_
_entity.id
_entity.type
_entity.pdbx_description
1 polymer 'Retinoic acid receptor RXR-alpha'
2 polymer 'Nuclear receptor coactivator 2'
3 non-polymer '3-[5-[3,5-bis(chloranyl)phenyl]-4-phenyl-1,3-oxazol-2-yl]propanoic acid'
4 water water
#
loop_
_entity_poly.entity_id
_entity_poly.type
_entity_poly.pdbx_seq_one_letter_code
_entity_poly.pdbx_strand_id
1 'polypeptide(L)'
;SMDMPVERILEAELAVEPKTETYVEANMGLNPSSPNDPVTNICQAADKQLFTLVEWAKRIPHFSELPLDDQVILLRAGWN
ELLIASFSHRSIAVKDGILLATGLHVHRNSAHSAGVGAIFDRVLTELVSKMRDMQMDKTELGCLRAIVLFNPDSKGLSNP
AEVEALREKVYASLEAYCKHKYPEQPGRFAKLLLRLPALRSIGLKCLEHLFFFKLIGDTPIDTFLMEMLE
;
A
2 'polypeptide(L)' KHKILHRLLQDSSY B
#
# COMPACT_ATOMS: atom_id res chain seq x y z
N MET A 2 23.29 -9.41 3.25
CA MET A 2 22.27 -8.39 3.52
C MET A 2 21.22 -8.97 4.49
N ASP A 3 20.82 -8.19 5.48
CA ASP A 3 19.75 -8.53 6.45
C ASP A 3 18.38 -8.21 5.81
N MET A 4 18.36 -7.41 4.73
CA MET A 4 17.11 -6.95 4.04
C MET A 4 17.38 -6.76 2.56
N PRO A 5 17.64 -7.85 1.79
CA PRO A 5 17.92 -7.74 0.37
C PRO A 5 16.70 -7.39 -0.48
N VAL A 6 16.90 -6.49 -1.46
CA VAL A 6 15.85 -5.91 -2.33
C VAL A 6 15.31 -6.99 -3.27
N GLU A 7 16.12 -8.00 -3.53
CA GLU A 7 15.73 -9.20 -4.32
C GLU A 7 14.42 -9.78 -3.75
N ARG A 8 14.39 -10.02 -2.44
CA ARG A 8 13.27 -10.73 -1.76
C ARG A 8 12.04 -9.81 -1.73
N ILE A 9 12.24 -8.52 -1.51
CA ILE A 9 11.16 -7.49 -1.52
C ILE A 9 10.53 -7.45 -2.91
N LEU A 10 11.36 -7.55 -3.97
CA LEU A 10 10.87 -7.54 -5.37
C LEU A 10 10.03 -8.81 -5.62
N GLU A 11 10.54 -9.97 -5.16
CA GLU A 11 9.85 -11.29 -5.26
C GLU A 11 8.47 -11.19 -4.57
N ALA A 12 8.40 -10.54 -3.41
CA ALA A 12 7.13 -10.34 -2.66
C ALA A 12 6.10 -9.70 -3.60
N GLU A 13 6.52 -8.61 -4.25
CA GLU A 13 5.70 -7.85 -5.22
C GLU A 13 5.29 -8.73 -6.39
N LEU A 14 6.23 -9.49 -6.96
CA LEU A 14 5.99 -10.31 -8.17
C LEU A 14 5.01 -11.45 -7.82
N ALA A 15 5.10 -11.98 -6.60
CA ALA A 15 4.39 -13.19 -6.14
C ALA A 15 2.89 -12.92 -6.01
N VAL A 16 2.49 -11.67 -5.78
CA VAL A 16 1.07 -11.28 -5.51
C VAL A 16 0.54 -10.41 -6.67
N GLU A 17 0.98 -10.68 -7.90
CA GLU A 17 0.64 -9.87 -9.10
C GLU A 17 -0.61 -10.41 -9.76
N PRO A 18 -1.65 -9.55 -9.97
CA PRO A 18 -2.90 -9.98 -10.61
C PRO A 18 -2.68 -10.46 -12.06
N ASN A 36 -23.46 0.76 -12.77
CA ASN A 36 -22.14 0.34 -12.22
C ASN A 36 -21.55 1.49 -11.40
N ASP A 37 -21.59 1.40 -10.07
CA ASP A 37 -21.03 2.40 -9.11
C ASP A 37 -19.52 2.17 -9.01
N PRO A 38 -18.67 3.15 -9.38
CA PRO A 38 -17.22 2.98 -9.30
C PRO A 38 -16.74 2.81 -7.85
N VAL A 39 -17.47 3.40 -6.89
CA VAL A 39 -17.14 3.30 -5.44
C VAL A 39 -17.36 1.84 -5.01
N THR A 40 -18.40 1.20 -5.50
CA THR A 40 -18.66 -0.24 -5.27
C THR A 40 -17.48 -1.06 -5.83
N ASN A 41 -17.10 -0.78 -7.07
CA ASN A 41 -16.00 -1.47 -7.76
C ASN A 41 -14.73 -1.32 -6.93
N ILE A 42 -14.37 -0.09 -6.60
CA ILE A 42 -13.17 0.26 -5.80
C ILE A 42 -13.19 -0.56 -4.51
N CYS A 43 -14.36 -0.71 -3.88
CA CYS A 43 -14.53 -1.37 -2.55
C CYS A 43 -14.44 -2.89 -2.68
N GLN A 44 -14.97 -3.47 -3.75
CA GLN A 44 -14.80 -4.91 -4.07
C GLN A 44 -13.30 -5.20 -4.23
N ALA A 45 -12.61 -4.41 -5.04
CA ALA A 45 -11.16 -4.53 -5.31
C ALA A 45 -10.40 -4.44 -3.99
N ALA A 46 -10.71 -3.45 -3.16
CA ALA A 46 -9.98 -3.18 -1.90
C ALA A 46 -10.09 -4.43 -1.02
N ASP A 47 -11.26 -5.04 -0.98
CA ASP A 47 -11.55 -6.17 -0.08
C ASP A 47 -10.81 -7.38 -0.61
N LYS A 48 -10.82 -7.57 -1.93
CA LYS A 48 -10.05 -8.63 -2.62
C LYS A 48 -8.57 -8.48 -2.25
N GLN A 49 -8.03 -7.27 -2.33
CA GLN A 49 -6.57 -7.04 -2.22
C GLN A 49 -6.13 -7.10 -0.76
N LEU A 50 -7.05 -6.96 0.17
CA LEU A 50 -6.74 -7.10 1.63
C LEU A 50 -6.20 -8.52 1.88
N PHE A 51 -6.71 -9.53 1.21
CA PHE A 51 -6.24 -10.92 1.38
C PHE A 51 -4.83 -11.04 0.80
N THR A 52 -4.61 -10.40 -0.34
CA THR A 52 -3.33 -10.43 -1.08
C THR A 52 -2.28 -9.62 -0.30
N LEU A 53 -2.72 -8.57 0.39
CA LEU A 53 -1.85 -7.75 1.26
C LEU A 53 -1.19 -8.61 2.33
N VAL A 54 -1.97 -9.42 3.03
CA VAL A 54 -1.49 -10.29 4.14
C VAL A 54 -0.43 -11.25 3.57
N GLU A 55 -0.71 -11.89 2.43
CA GLU A 55 0.24 -12.78 1.70
C GLU A 55 1.53 -12.00 1.39
N TRP A 56 1.41 -10.82 0.79
CA TRP A 56 2.55 -9.92 0.49
C TRP A 56 3.41 -9.72 1.74
N ALA A 57 2.80 -9.32 2.84
CA ALA A 57 3.49 -8.92 4.08
C ALA A 57 4.34 -10.07 4.58
N LYS A 58 3.86 -11.29 4.45
CA LYS A 58 4.52 -12.49 5.02
C LYS A 58 5.81 -12.75 4.24
N ARG A 59 5.86 -12.33 2.97
CA ARG A 59 7.01 -12.55 2.04
C ARG A 59 8.01 -11.40 2.17
N ILE A 60 7.70 -10.34 2.91
CA ILE A 60 8.70 -9.31 3.29
C ILE A 60 9.59 -9.88 4.37
N PRO A 61 10.92 -9.91 4.17
CA PRO A 61 11.85 -10.47 5.15
C PRO A 61 11.60 -9.91 6.56
N HIS A 62 11.43 -10.81 7.54
CA HIS A 62 11.46 -10.56 9.00
C HIS A 62 10.04 -10.24 9.53
N PHE A 63 9.09 -9.93 8.65
CA PHE A 63 7.72 -9.53 9.06
C PHE A 63 7.07 -10.65 9.86
N SER A 64 7.18 -11.89 9.37
CA SER A 64 6.50 -13.08 9.93
C SER A 64 7.13 -13.46 11.26
N GLU A 65 8.33 -12.93 11.55
CA GLU A 65 9.11 -13.21 12.79
C GLU A 65 8.65 -12.28 13.92
N LEU A 66 7.99 -11.19 13.60
CA LEU A 66 7.43 -10.27 14.61
C LEU A 66 6.33 -11.00 15.37
N PRO A 67 6.08 -10.64 16.65
CA PRO A 67 4.93 -11.17 17.39
C PRO A 67 3.63 -10.91 16.62
N LEU A 68 2.72 -11.87 16.59
CA LEU A 68 1.44 -11.78 15.84
C LEU A 68 0.76 -10.43 16.16
N ASP A 69 0.84 -9.95 17.40
CA ASP A 69 0.12 -8.71 17.83
C ASP A 69 0.67 -7.52 17.04
N ASP A 70 1.98 -7.50 16.80
CA ASP A 70 2.68 -6.39 16.11
C ASP A 70 2.44 -6.49 14.61
N GLN A 71 2.38 -7.70 14.09
CA GLN A 71 2.03 -7.93 12.68
C GLN A 71 0.66 -7.33 12.43
N VAL A 72 -0.27 -7.57 13.34
CA VAL A 72 -1.66 -7.02 13.31
C VAL A 72 -1.61 -5.49 13.33
N ILE A 73 -0.85 -4.91 14.26
CA ILE A 73 -0.77 -3.43 14.47
C ILE A 73 -0.21 -2.77 13.21
N LEU A 74 0.83 -3.34 12.60
CA LEU A 74 1.52 -2.75 11.43
C LEU A 74 0.55 -2.70 10.24
N LEU A 75 -0.18 -3.78 10.01
CA LEU A 75 -1.08 -3.92 8.85
C LEU A 75 -2.32 -3.07 9.08
N ARG A 76 -2.83 -3.04 10.31
CA ARG A 76 -3.95 -2.15 10.70
CA ARG A 76 -3.95 -2.15 10.68
C ARG A 76 -3.53 -0.69 10.44
N ALA A 77 -2.30 -0.36 10.77
CA ALA A 77 -1.72 0.98 10.59
C ALA A 77 -1.46 1.25 9.11
N GLY A 78 -1.06 0.24 8.33
CA GLY A 78 -0.43 0.43 7.01
C GLY A 78 -1.38 0.18 5.83
N TRP A 79 -2.42 -0.64 6.01
CA TRP A 79 -3.12 -1.30 4.90
C TRP A 79 -3.57 -0.28 3.85
N ASN A 80 -4.09 0.86 4.27
CA ASN A 80 -4.72 1.81 3.35
C ASN A 80 -3.63 2.38 2.42
N GLU A 81 -2.48 2.71 2.99
CA GLU A 81 -1.33 3.25 2.23
C GLU A 81 -0.73 2.17 1.34
N LEU A 82 -0.70 0.92 1.83
CA LEU A 82 -0.11 -0.21 1.08
C LEU A 82 -0.97 -0.49 -0.15
N LEU A 83 -2.30 -0.44 -0.01
CA LEU A 83 -3.22 -0.70 -1.15
C LEU A 83 -3.13 0.46 -2.14
N ILE A 84 -3.02 1.68 -1.65
CA ILE A 84 -2.93 2.89 -2.50
C ILE A 84 -1.62 2.86 -3.30
N ALA A 85 -0.50 2.48 -2.68
CA ALA A 85 0.81 2.41 -3.35
C ALA A 85 0.71 1.42 -4.51
N SER A 86 0.07 0.26 -4.29
CA SER A 86 -0.03 -0.81 -5.32
C SER A 86 -0.79 -0.28 -6.53
N PHE A 87 -2.02 0.22 -6.35
CA PHE A 87 -2.95 0.47 -7.50
C PHE A 87 -2.49 1.73 -8.23
N SER A 88 -1.77 2.61 -7.53
CA SER A 88 -1.07 3.78 -8.12
C SER A 88 0.02 3.30 -9.10
N HIS A 89 0.97 2.49 -8.64
CA HIS A 89 2.09 1.96 -9.47
C HIS A 89 1.54 1.13 -10.63
N ARG A 90 0.49 0.34 -10.37
CA ARG A 90 -0.17 -0.51 -11.38
C ARG A 90 -0.80 0.36 -12.48
N SER A 91 -0.94 1.66 -12.24
CA SER A 91 -1.77 2.57 -13.08
C SER A 91 -0.88 3.48 -13.95
N ILE A 92 0.45 3.37 -13.84
CA ILE A 92 1.41 4.31 -14.51
C ILE A 92 1.12 4.36 -16.01
N ALA A 93 0.86 3.22 -16.65
CA ALA A 93 0.69 3.11 -18.12
C ALA A 93 -0.71 3.60 -18.51
N VAL A 94 -1.56 3.89 -17.53
CA VAL A 94 -2.97 4.32 -17.77
C VAL A 94 -3.01 5.84 -17.86
N LYS A 95 -3.92 6.37 -18.66
CA LYS A 95 -4.17 7.83 -18.84
C LYS A 95 -5.40 8.24 -18.02
N ASP A 96 -5.23 9.24 -17.15
CA ASP A 96 -6.35 9.93 -16.45
C ASP A 96 -7.28 8.90 -15.81
N GLY A 97 -6.72 7.86 -15.17
CA GLY A 97 -7.49 6.73 -14.62
C GLY A 97 -6.63 5.80 -13.79
N ILE A 98 -7.25 4.85 -13.11
CA ILE A 98 -6.54 3.79 -12.32
C ILE A 98 -6.97 2.43 -12.82
N LEU A 99 -6.07 1.45 -12.71
CA LEU A 99 -6.36 0.02 -12.99
C LEU A 99 -6.57 -0.68 -11.65
N LEU A 100 -7.77 -1.21 -11.42
CA LEU A 100 -8.11 -2.04 -10.23
C LEU A 100 -7.54 -3.45 -10.42
N ALA A 101 -7.36 -4.15 -9.30
CA ALA A 101 -6.93 -5.57 -9.22
C ALA A 101 -7.97 -6.48 -9.90
N THR A 102 -9.23 -6.06 -9.93
CA THR A 102 -10.36 -6.80 -10.55
C THR A 102 -10.17 -6.86 -12.09
N GLY A 103 -9.25 -6.04 -12.64
CA GLY A 103 -9.00 -5.91 -14.09
C GLY A 103 -9.67 -4.68 -14.67
N LEU A 104 -10.55 -4.05 -13.89
CA LEU A 104 -11.38 -2.89 -14.29
C LEU A 104 -10.55 -1.61 -14.18
N HIS A 105 -10.44 -0.84 -15.26
CA HIS A 105 -9.92 0.54 -15.25
C HIS A 105 -11.03 1.48 -14.80
N VAL A 106 -10.72 2.42 -13.90
CA VAL A 106 -11.63 3.55 -13.55
C VAL A 106 -11.00 4.86 -14.04
N HIS A 107 -11.77 5.63 -14.81
CA HIS A 107 -11.37 6.94 -15.38
C HIS A 107 -11.85 8.07 -14.45
N ARG A 108 -11.14 9.19 -14.45
CA ARG A 108 -11.41 10.34 -13.55
C ARG A 108 -12.81 10.88 -13.80
N ASN A 109 -13.31 10.81 -15.02
CA ASN A 109 -14.70 11.20 -15.36
C ASN A 109 -15.68 10.40 -14.50
N SER A 110 -15.51 9.06 -14.43
CA SER A 110 -16.33 8.15 -13.58
C SER A 110 -16.22 8.57 -12.12
N ALA A 111 -15.00 8.75 -11.64
CA ALA A 111 -14.70 9.08 -10.23
C ALA A 111 -15.42 10.40 -9.85
N HIS A 112 -15.40 11.38 -10.75
CA HIS A 112 -16.01 12.72 -10.54
C HIS A 112 -17.53 12.56 -10.47
N SER A 113 -18.09 11.64 -11.26
CA SER A 113 -19.54 11.42 -11.43
C SER A 113 -20.12 10.61 -10.27
N ALA A 114 -19.27 9.96 -9.45
CA ALA A 114 -19.67 9.24 -8.23
C ALA A 114 -19.41 10.12 -7.01
N GLY A 115 -18.84 11.32 -7.21
CA GLY A 115 -18.57 12.32 -6.16
C GLY A 115 -17.25 12.09 -5.43
N VAL A 116 -16.28 11.43 -6.06
CA VAL A 116 -14.93 11.20 -5.45
C VAL A 116 -13.83 11.72 -6.40
N GLY A 117 -14.14 12.75 -7.16
CA GLY A 117 -13.21 13.38 -8.12
C GLY A 117 -11.97 13.94 -7.45
N ALA A 118 -12.14 14.68 -6.36
CA ALA A 118 -11.07 15.44 -5.69
C ALA A 118 -9.99 14.48 -5.23
N ILE A 119 -10.36 13.43 -4.48
CA ILE A 119 -9.39 12.46 -3.95
C ILE A 119 -8.80 11.68 -5.13
N PHE A 120 -9.62 11.36 -6.11
CA PHE A 120 -9.18 10.66 -7.35
C PHE A 120 -8.13 11.50 -8.07
N ASP A 121 -8.34 12.81 -8.21
CA ASP A 121 -7.38 13.72 -8.87
C ASP A 121 -6.08 13.71 -8.06
N ARG A 122 -6.17 13.65 -6.74
CA ARG A 122 -4.99 13.65 -5.86
C ARG A 122 -4.15 12.40 -6.16
N VAL A 123 -4.79 11.26 -6.34
CA VAL A 123 -4.09 9.98 -6.60
C VAL A 123 -3.35 10.12 -7.93
N LEU A 124 -4.01 10.62 -8.95
CA LEU A 124 -3.41 10.85 -10.30
C LEU A 124 -2.21 11.80 -10.19
N THR A 125 -2.38 12.96 -9.55
CA THR A 125 -1.43 14.09 -9.66
C THR A 125 -0.24 13.85 -8.74
N GLU A 126 -0.45 13.28 -7.55
CA GLU A 126 0.56 13.21 -6.47
C GLU A 126 1.27 11.85 -6.49
N LEU A 127 0.60 10.82 -7.01
CA LEU A 127 1.14 9.44 -6.97
C LEU A 127 1.35 8.90 -8.39
N VAL A 128 0.31 8.64 -9.15
CA VAL A 128 0.42 7.93 -10.46
C VAL A 128 1.41 8.71 -11.32
N SER A 129 1.10 9.96 -11.58
CA SER A 129 1.89 10.84 -12.46
C SER A 129 3.35 10.83 -12.02
N LYS A 130 3.60 10.97 -10.72
CA LYS A 130 4.97 11.11 -10.15
C LYS A 130 5.73 9.79 -10.36
N MET A 131 5.04 8.64 -10.22
CA MET A 131 5.60 7.30 -10.51
C MET A 131 5.93 7.17 -12.01
N ARG A 132 5.05 7.63 -12.91
CA ARG A 132 5.28 7.55 -14.38
C ARG A 132 6.51 8.41 -14.72
N ASP A 133 6.50 9.67 -14.27
CA ASP A 133 7.52 10.70 -14.60
C ASP A 133 8.91 10.14 -14.28
N MET A 134 9.08 9.54 -13.11
CA MET A 134 10.39 9.04 -12.61
C MET A 134 10.58 7.54 -12.98
N GLN A 135 9.57 6.91 -13.59
CA GLN A 135 9.56 5.46 -13.94
C GLN A 135 9.90 4.61 -12.70
N MET A 136 9.30 4.93 -11.56
CA MET A 136 9.47 4.12 -10.33
C MET A 136 9.35 2.64 -10.71
N ASP A 137 10.38 1.85 -10.48
CA ASP A 137 10.37 0.41 -10.82
C ASP A 137 9.76 -0.33 -9.62
N LYS A 138 9.63 -1.64 -9.76
CA LYS A 138 8.83 -2.51 -8.86
C LYS A 138 9.63 -2.79 -7.58
N THR A 139 10.96 -2.85 -7.67
CA THR A 139 11.86 -2.96 -6.50
C THR A 139 11.64 -1.72 -5.61
N GLU A 140 11.47 -0.57 -6.24
CA GLU A 140 11.32 0.73 -5.54
C GLU A 140 9.93 0.80 -4.87
N LEU A 141 8.88 0.39 -5.57
CA LEU A 141 7.51 0.27 -5.03
C LEU A 141 7.56 -0.66 -3.81
N GLY A 142 8.16 -1.85 -4.01
CA GLY A 142 8.44 -2.84 -2.95
C GLY A 142 9.02 -2.21 -1.70
N CYS A 143 10.14 -1.52 -1.84
CA CYS A 143 10.89 -0.93 -0.70
C CYS A 143 10.07 0.16 0.00
N LEU A 144 9.41 1.03 -0.77
CA LEU A 144 8.52 2.10 -0.23
C LEU A 144 7.40 1.43 0.58
N ARG A 145 6.82 0.36 0.07
CA ARG A 145 5.71 -0.35 0.76
C ARG A 145 6.27 -1.04 2.02
N ALA A 146 7.48 -1.58 1.95
CA ALA A 146 8.18 -2.20 3.09
C ALA A 146 8.41 -1.15 4.17
N ILE A 147 8.85 0.05 3.78
CA ILE A 147 9.10 1.17 4.70
C ILE A 147 7.78 1.52 5.41
N VAL A 148 6.69 1.58 4.65
CA VAL A 148 5.33 1.96 5.14
C VAL A 148 4.84 0.87 6.08
N LEU A 149 5.13 -0.39 5.78
CA LEU A 149 4.76 -1.56 6.60
C LEU A 149 5.49 -1.49 7.94
N PHE A 150 6.78 -1.23 7.90
CA PHE A 150 7.63 -1.16 9.12
C PHE A 150 7.56 0.25 9.69
N ASN A 151 6.39 0.61 10.18
CA ASN A 151 6.09 1.96 10.69
C ASN A 151 6.26 1.97 12.19
N PRO A 152 7.40 2.47 12.72
CA PRO A 152 7.67 2.37 14.16
C PRO A 152 6.79 3.30 15.01
N ASP A 153 6.01 4.15 14.37
CA ASP A 153 5.09 5.12 15.04
C ASP A 153 3.75 4.42 15.37
N SER A 154 3.48 3.24 14.80
CA SER A 154 2.24 2.47 15.04
C SER A 154 2.03 2.30 16.54
N LYS A 155 0.84 2.57 17.02
CA LYS A 155 0.52 2.55 18.47
C LYS A 155 0.42 1.09 18.93
N GLY A 156 1.10 0.77 20.03
CA GLY A 156 0.91 -0.46 20.82
C GLY A 156 1.97 -1.51 20.50
N LEU A 157 2.91 -1.21 19.60
CA LEU A 157 3.99 -2.16 19.22
C LEU A 157 4.72 -2.59 20.50
N SER A 158 5.05 -3.87 20.63
CA SER A 158 5.76 -4.40 21.80
C SER A 158 7.24 -3.95 21.76
N ASN A 159 7.81 -3.78 20.55
CA ASN A 159 9.21 -3.34 20.37
C ASN A 159 9.29 -2.39 19.17
N PRO A 160 9.03 -1.07 19.38
CA PRO A 160 9.17 -0.08 18.30
C PRO A 160 10.59 -0.02 17.69
N ALA A 161 11.63 -0.20 18.52
CA ALA A 161 13.07 -0.20 18.10
C ALA A 161 13.29 -1.24 17.00
N GLU A 162 12.74 -2.44 17.18
CA GLU A 162 12.82 -3.57 16.20
C GLU A 162 12.28 -3.10 14.84
N VAL A 163 11.09 -2.51 14.82
CA VAL A 163 10.41 -2.06 13.58
C VAL A 163 11.21 -0.91 12.98
N GLU A 164 11.71 -0.02 13.81
CA GLU A 164 12.55 1.14 13.40
C GLU A 164 13.79 0.62 12.67
N ALA A 165 14.40 -0.44 13.22
CA ALA A 165 15.66 -1.06 12.73
C ALA A 165 15.39 -1.80 11.42
N LEU A 166 14.20 -2.40 11.28
CA LEU A 166 13.75 -3.01 10.01
C LEU A 166 13.48 -1.91 8.97
N ARG A 167 12.84 -0.82 9.37
CA ARG A 167 12.65 0.37 8.49
C ARG A 167 14.04 0.83 8.00
N GLU A 168 15.00 0.99 8.93
CA GLU A 168 16.38 1.47 8.64
C GLU A 168 17.04 0.56 7.59
N LYS A 169 16.90 -0.75 7.72
CA LYS A 169 17.53 -1.74 6.81
C LYS A 169 16.89 -1.64 5.41
N VAL A 170 15.59 -1.32 5.32
CA VAL A 170 14.88 -1.27 4.00
C VAL A 170 15.40 -0.07 3.22
N TYR A 171 15.53 1.10 3.86
CA TYR A 171 15.81 2.36 3.14
C TYR A 171 17.31 2.45 2.88
N ALA A 172 18.14 1.77 3.67
CA ALA A 172 19.58 1.57 3.37
C ALA A 172 19.73 0.72 2.09
N SER A 173 18.98 -0.38 1.95
CA SER A 173 19.00 -1.23 0.74
C SER A 173 18.48 -0.43 -0.46
N LEU A 174 17.44 0.38 -0.24
CA LEU A 174 16.81 1.20 -1.31
C LEU A 174 17.83 2.22 -1.82
N GLU A 175 18.46 2.99 -0.91
CA GLU A 175 19.53 3.97 -1.24
C GLU A 175 20.54 3.29 -2.18
N ALA A 176 21.07 2.14 -1.75
CA ALA A 176 22.14 1.37 -2.44
C ALA A 176 21.65 0.86 -3.81
N TYR A 177 20.39 0.36 -3.89
CA TYR A 177 19.75 -0.08 -5.16
C TYR A 177 19.72 1.10 -6.14
N CYS A 178 19.30 2.27 -5.66
CA CYS A 178 19.13 3.51 -6.46
C CYS A 178 20.49 4.01 -6.95
N LYS A 179 21.47 4.14 -6.04
CA LYS A 179 22.87 4.56 -6.35
C LYS A 179 23.48 3.63 -7.40
N HIS A 180 23.15 2.33 -7.34
CA HIS A 180 23.71 1.29 -8.24
C HIS A 180 22.94 1.27 -9.57
N LYS A 181 21.60 1.28 -9.52
CA LYS A 181 20.72 0.96 -10.68
C LYS A 181 20.54 2.22 -11.54
N TYR A 182 20.39 3.38 -10.88
CA TYR A 182 20.23 4.72 -11.49
C TYR A 182 21.31 5.66 -10.94
N PRO A 183 22.61 5.40 -11.24
CA PRO A 183 23.70 6.22 -10.69
C PRO A 183 23.66 7.69 -11.23
N GLU A 184 23.01 7.86 -12.41
CA GLU A 184 22.85 9.16 -13.14
C GLU A 184 21.88 10.09 -12.37
N GLN A 185 21.03 9.53 -11.49
CA GLN A 185 20.00 10.30 -10.74
C GLN A 185 20.37 10.30 -9.25
N PRO A 186 21.24 11.24 -8.80
CA PRO A 186 21.68 11.27 -7.39
C PRO A 186 20.57 11.61 -6.38
N GLY A 187 19.47 12.22 -6.84
CA GLY A 187 18.35 12.65 -5.99
C GLY A 187 17.18 11.68 -6.04
N ARG A 188 17.31 10.54 -6.72
CA ARG A 188 16.19 9.57 -6.92
C ARG A 188 15.71 9.04 -5.57
N PHE A 189 16.63 8.76 -4.65
CA PHE A 189 16.32 8.14 -3.33
C PHE A 189 15.41 9.09 -2.54
N ALA A 190 15.87 10.32 -2.31
CA ALA A 190 15.10 11.44 -1.71
C ALA A 190 13.72 11.55 -2.39
N LYS A 191 13.68 11.56 -3.72
CA LYS A 191 12.44 11.69 -4.52
C LYS A 191 11.46 10.57 -4.13
N LEU A 192 11.92 9.33 -4.05
CA LEU A 192 11.09 8.16 -3.67
C LEU A 192 10.49 8.42 -2.28
N LEU A 193 11.34 8.76 -1.31
CA LEU A 193 10.94 8.97 0.10
C LEU A 193 9.96 10.14 0.18
N LEU A 194 10.02 11.07 -0.76
CA LEU A 194 9.20 12.29 -0.73
C LEU A 194 7.85 12.08 -1.44
N ARG A 195 7.50 10.85 -1.80
CA ARG A 195 6.12 10.51 -2.19
C ARG A 195 5.34 9.95 -0.98
N LEU A 196 6.00 9.66 0.14
CA LEU A 196 5.36 9.05 1.35
C LEU A 196 4.45 10.04 2.04
N PRO A 197 4.78 11.34 2.16
CA PRO A 197 3.84 12.30 2.75
C PRO A 197 2.52 12.37 1.98
N ALA A 198 2.60 12.47 0.67
CA ALA A 198 1.41 12.49 -0.18
C ALA A 198 0.63 11.20 0.08
N LEU A 199 1.32 10.10 0.22
CA LEU A 199 0.72 8.76 0.44
C LEU A 199 -0.03 8.77 1.77
N ARG A 200 0.60 9.28 2.80
CA ARG A 200 -0.01 9.38 4.13
C ARG A 200 -1.32 10.18 3.99
N SER A 201 -1.23 11.29 3.29
CA SER A 201 -2.30 12.30 3.16
C SER A 201 -3.49 11.70 2.42
N ILE A 202 -3.21 11.03 1.29
CA ILE A 202 -4.24 10.42 0.42
C ILE A 202 -4.86 9.23 1.15
N GLY A 203 -4.07 8.46 1.89
CA GLY A 203 -4.55 7.32 2.71
C GLY A 203 -5.58 7.77 3.74
N LEU A 204 -5.32 8.88 4.41
CA LEU A 204 -6.23 9.40 5.46
C LEU A 204 -7.52 9.93 4.84
N LYS A 205 -7.46 10.55 3.67
CA LYS A 205 -8.66 11.10 3.00
C LYS A 205 -9.48 9.93 2.42
N CYS A 206 -8.83 8.92 1.90
CA CYS A 206 -9.50 7.70 1.41
C CYS A 206 -10.23 7.03 2.55
N LEU A 207 -9.58 6.92 3.69
CA LEU A 207 -10.12 6.27 4.91
C LEU A 207 -11.36 7.03 5.37
N GLU A 208 -11.31 8.35 5.39
CA GLU A 208 -12.45 9.22 5.78
C GLU A 208 -13.65 8.96 4.82
N HIS A 209 -13.40 8.71 3.53
CA HIS A 209 -14.43 8.39 2.50
C HIS A 209 -15.06 7.05 2.80
N LEU A 210 -14.25 6.01 3.03
CA LEU A 210 -14.75 4.64 3.27
C LEU A 210 -15.61 4.64 4.55
N PHE A 211 -15.20 5.36 5.60
CA PHE A 211 -15.96 5.49 6.86
C PHE A 211 -17.32 6.10 6.57
N PHE A 212 -17.38 6.98 5.58
CA PHE A 212 -18.63 7.65 5.16
C PHE A 212 -19.50 6.66 4.35
N PHE A 213 -18.94 5.96 3.37
CA PHE A 213 -19.67 4.91 2.61
C PHE A 213 -20.26 3.92 3.62
N LYS A 214 -19.46 3.45 4.59
CA LYS A 214 -19.93 2.52 5.65
C LYS A 214 -21.09 3.15 6.43
N LEU A 215 -20.83 4.27 7.09
CA LEU A 215 -21.80 4.97 7.98
C LEU A 215 -23.18 5.07 7.30
N ILE A 216 -23.19 5.20 5.97
CA ILE A 216 -24.34 5.70 5.15
C ILE A 216 -25.11 4.52 4.57
N GLY A 217 -24.44 3.37 4.36
CA GLY A 217 -25.01 2.16 3.74
C GLY A 217 -25.36 2.39 2.27
N ASP A 218 -24.71 3.36 1.62
CA ASP A 218 -24.84 3.62 0.15
C ASP A 218 -24.21 2.45 -0.61
N THR A 219 -23.10 1.89 -0.08
CA THR A 219 -22.15 0.98 -0.78
C THR A 219 -22.06 -0.35 -0.04
N PRO A 220 -22.12 -1.51 -0.75
CA PRO A 220 -21.70 -2.80 -0.19
C PRO A 220 -20.22 -2.80 0.21
N ILE A 221 -19.96 -3.00 1.51
CA ILE A 221 -18.60 -3.16 2.11
C ILE A 221 -18.45 -4.63 2.53
N ASP A 222 -17.66 -5.40 1.79
CA ASP A 222 -17.39 -6.84 2.04
C ASP A 222 -16.67 -7.00 3.40
N THR A 223 -16.62 -8.22 3.93
CA THR A 223 -16.41 -8.50 5.38
C THR A 223 -15.03 -7.99 5.85
N PHE A 224 -13.97 -8.21 5.07
CA PHE A 224 -12.57 -7.95 5.50
C PHE A 224 -12.29 -6.45 5.42
N LEU A 225 -12.76 -5.77 4.37
CA LEU A 225 -12.78 -4.29 4.32
C LEU A 225 -13.50 -3.76 5.57
N MET A 226 -14.69 -4.29 5.83
CA MET A 226 -15.54 -3.91 6.98
C MET A 226 -14.73 -4.03 8.27
N GLU A 227 -13.99 -5.13 8.46
CA GLU A 227 -13.23 -5.40 9.70
C GLU A 227 -12.09 -4.38 9.86
N MET A 228 -11.51 -3.92 8.77
CA MET A 228 -10.41 -2.92 8.79
C MET A 228 -10.97 -1.52 9.13
N LEU A 229 -12.28 -1.32 8.99
CA LEU A 229 -13.00 -0.04 9.29
C LEU A 229 -13.70 -0.10 10.67
N GLU A 230 -13.35 -1.07 11.54
CA GLU A 230 -13.89 -1.15 12.92
C GLU A 230 -12.72 -1.08 13.91
N LYS B 1 -11.06 -7.59 18.30
CA LYS B 1 -11.29 -8.95 17.70
C LYS B 1 -11.20 -8.87 16.18
N HIS B 2 -10.00 -8.66 15.65
CA HIS B 2 -9.72 -8.63 14.18
C HIS B 2 -9.70 -10.08 13.67
N LYS B 3 -10.88 -10.71 13.59
CA LYS B 3 -11.06 -12.17 13.36
C LYS B 3 -10.30 -12.59 12.09
N ILE B 4 -10.62 -11.94 10.97
CA ILE B 4 -10.20 -12.35 9.61
C ILE B 4 -8.70 -12.12 9.46
N LEU B 5 -8.18 -11.00 9.95
CA LEU B 5 -6.74 -10.64 9.81
C LEU B 5 -5.91 -11.67 10.57
N HIS B 6 -6.27 -11.95 11.82
CA HIS B 6 -5.58 -12.89 12.74
C HIS B 6 -5.48 -14.27 12.08
N ARG B 7 -6.55 -14.72 11.42
CA ARG B 7 -6.64 -16.10 10.83
C ARG B 7 -5.68 -16.19 9.63
N LEU B 8 -5.71 -15.20 8.74
CA LEU B 8 -4.83 -15.11 7.56
C LEU B 8 -3.35 -15.05 8.01
N LEU B 9 -3.07 -14.50 9.18
CA LEU B 9 -1.68 -14.23 9.61
C LEU B 9 -1.07 -15.47 10.27
N GLN B 10 -1.89 -16.36 10.87
CA GLN B 10 -1.40 -17.62 11.49
C GLN B 10 -1.04 -18.59 10.37
N ASP B 11 -1.94 -18.71 9.38
CA ASP B 11 -1.92 -19.80 8.36
C ASP B 11 -0.54 -19.83 7.70
N SER B 12 0.11 -20.99 7.76
CA SER B 12 1.53 -21.20 7.33
C SER B 12 1.56 -21.54 5.84
N SER B 13 1.51 -20.51 4.97
CA SER B 13 1.50 -20.62 3.48
C SER B 13 1.79 -19.26 2.85
#